data_4ZR0
#
_entry.id   4ZR0
#
_cell.length_a   202.943
_cell.length_b   202.943
_cell.length_c   202.943
_cell.angle_alpha   90.00
_cell.angle_beta   90.00
_cell.angle_gamma   90.00
#
_symmetry.space_group_name_H-M   'I 21 3'
#
loop_
_entity.id
_entity.type
_entity.pdbx_description
1 polymer 'Ceramide very long chain fatty acid hydroxylase SCS7'
2 non-polymer 'ZINC ION'
#
_entity_poly.entity_id   1
_entity_poly.type   'polypeptide(L)'
_entity_poly.pdbx_seq_one_letter_code
;MSTNTSKTLELFSKKTVQEHNTANDCWVTYQNRKIYDVTRFLSEHPGGDESILDYAGKDITEIMKDSDVHEHSDSAYEIL
EDEYLIGYLATDEEAARLLTNKNHKVEVQLSADGTEFDSTTFVKELPAEEKLSIATDYSNDYKKHKFLDLNRPLLMQILR
SDFKKDFYVDQIHRPRHYGKGSAPLFGNFLEPLTKTAWWVVPVAWLPVVVYHMGVALKNMNQLFACFLFCVGVFVWTLIE
YGLHRFLFHFDDWLPESNIAFATHFLLHGCHHYLPMDKYRLVMPPTLFVILCAPFYKLVFALLPLYWAYAGFAGGLFGYV
CYDECHFFLHHSKLPPFMRKLKKYHLEHHYKNYQLGFGVTSWFWDEVFGTYLGPDAPLSKMKYESGLEVLFQ
;
_entity_poly.pdbx_strand_id   A,B
#
loop_
_chem_comp.id
_chem_comp.type
_chem_comp.name
_chem_comp.formula
ZN non-polymer 'ZINC ION' 'Zn 2'
#
# COMPACT_ATOMS: atom_id res chain seq x y z
N PHE A 117 -34.24 9.37 13.15
CA PHE A 117 -34.54 8.18 13.93
C PHE A 117 -33.86 6.95 13.35
N ASP A 118 -34.49 6.34 12.35
CA ASP A 118 -33.94 5.17 11.70
C ASP A 118 -33.03 5.57 10.53
N SER A 119 -31.74 5.27 10.65
CA SER A 119 -30.76 5.68 9.65
C SER A 119 -30.76 4.79 8.42
N THR A 120 -31.46 3.66 8.52
CA THR A 120 -31.52 2.71 7.41
C THR A 120 -32.58 3.12 6.40
N THR A 121 -33.32 4.18 6.70
CA THR A 121 -34.38 4.65 5.82
C THR A 121 -34.01 5.98 5.19
N PHE A 122 -34.16 6.06 3.86
CA PHE A 122 -33.86 7.27 3.11
C PHE A 122 -34.90 8.36 3.36
N VAL A 123 -34.44 9.61 3.40
CA VAL A 123 -35.33 10.75 3.59
C VAL A 123 -35.23 11.70 2.40
N LYS A 124 -36.35 12.32 2.03
CA LYS A 124 -36.39 13.26 0.91
C LYS A 124 -35.62 14.53 1.24
N GLU A 125 -35.46 14.79 2.54
CA GLU A 125 -34.70 15.94 3.01
C GLU A 125 -33.73 15.50 4.11
N LEU A 126 -32.47 15.89 4.00
CA LEU A 126 -31.43 15.47 4.93
C LEU A 126 -31.73 15.85 6.37
N PRO A 127 -31.62 14.88 7.29
CA PRO A 127 -31.84 15.13 8.73
C PRO A 127 -30.68 15.89 9.37
N ALA A 128 -30.67 15.98 10.69
CA ALA A 128 -29.61 16.68 11.41
C ALA A 128 -28.26 15.99 11.22
N GLU A 129 -27.19 16.78 11.27
CA GLU A 129 -25.84 16.25 11.10
C GLU A 129 -25.42 15.44 12.34
N GLU A 130 -26.14 15.65 13.44
CA GLU A 130 -25.86 14.91 14.68
C GLU A 130 -26.43 13.49 14.61
N LYS A 131 -27.43 13.29 13.75
CA LYS A 131 -28.06 11.98 13.60
C LYS A 131 -27.26 11.09 12.64
N LEU A 132 -26.32 11.70 11.93
CA LEU A 132 -25.48 10.95 10.98
C LEU A 132 -24.29 10.30 11.67
N SER A 133 -24.07 10.66 12.93
CA SER A 133 -22.96 10.12 13.70
C SER A 133 -23.44 9.29 14.88
N ILE A 134 -24.71 8.89 14.82
CA ILE A 134 -25.29 8.05 15.86
C ILE A 134 -24.89 6.60 15.66
N ALA A 135 -24.28 6.01 16.68
CA ALA A 135 -23.85 4.62 16.61
C ALA A 135 -25.05 3.70 16.41
N THR A 136 -24.95 2.78 15.46
CA THR A 136 -26.04 1.87 15.13
C THR A 136 -26.04 0.67 16.08
N ASP A 137 -27.23 0.26 16.52
CA ASP A 137 -27.37 -0.95 17.33
C ASP A 137 -27.02 -2.17 16.49
N TYR A 138 -25.94 -2.86 16.86
CA TYR A 138 -25.43 -3.97 16.07
C TYR A 138 -26.40 -5.15 16.01
N SER A 139 -26.70 -5.70 17.18
CA SER A 139 -27.57 -6.87 17.29
C SER A 139 -28.96 -6.60 16.72
N ASN A 140 -29.50 -5.41 17.02
CA ASN A 140 -30.80 -5.03 16.50
C ASN A 140 -30.78 -4.89 14.98
N ASP A 141 -29.65 -4.45 14.45
CA ASP A 141 -29.48 -4.34 13.00
C ASP A 141 -29.47 -5.72 12.35
N TYR A 142 -28.64 -6.60 12.87
CA TYR A 142 -28.53 -7.94 12.29
C TYR A 142 -29.81 -8.74 12.48
N LYS A 143 -30.59 -8.37 13.49
CA LYS A 143 -31.86 -9.05 13.74
C LYS A 143 -32.97 -8.51 12.84
N LYS A 144 -32.99 -7.19 12.65
CA LYS A 144 -34.07 -6.55 11.90
C LYS A 144 -33.92 -6.73 10.39
N HIS A 145 -32.68 -6.64 9.91
CA HIS A 145 -32.45 -6.66 8.47
C HIS A 145 -31.76 -7.94 8.01
N LYS A 146 -31.16 -8.67 8.95
CA LYS A 146 -30.46 -9.91 8.65
C LYS A 146 -29.42 -9.73 7.55
N PHE A 147 -28.59 -8.71 7.72
CA PHE A 147 -27.56 -8.38 6.76
C PHE A 147 -26.16 -8.71 7.29
N LEU A 148 -25.44 -7.69 7.73
CA LEU A 148 -24.10 -7.86 8.27
C LEU A 148 -24.03 -7.50 9.73
N ASP A 149 -23.31 -8.30 10.50
CA ASP A 149 -23.13 -8.04 11.91
C ASP A 149 -21.89 -7.16 12.10
N LEU A 150 -22.12 -5.91 12.48
CA LEU A 150 -21.04 -4.93 12.57
C LEU A 150 -20.06 -5.21 13.69
N ASN A 151 -20.47 -6.06 14.62
CA ASN A 151 -19.62 -6.37 15.76
C ASN A 151 -18.56 -7.41 15.39
N ARG A 152 -18.66 -7.93 14.17
CA ARG A 152 -17.72 -8.94 13.70
C ARG A 152 -17.23 -8.57 12.30
N PRO A 153 -16.00 -8.97 11.95
CA PRO A 153 -15.37 -8.69 10.65
C PRO A 153 -16.33 -8.77 9.48
N LEU A 154 -16.33 -7.74 8.64
CA LEU A 154 -17.32 -7.61 7.58
C LEU A 154 -16.91 -8.34 6.30
N LEU A 155 -15.62 -8.31 6.00
CA LEU A 155 -15.15 -8.85 4.72
C LEU A 155 -15.37 -10.37 4.64
N MET A 156 -14.77 -11.11 5.56
CA MET A 156 -14.96 -12.56 5.61
C MET A 156 -16.43 -12.93 5.75
N GLN A 157 -17.20 -12.01 6.32
CA GLN A 157 -18.64 -12.17 6.49
C GLN A 157 -19.35 -12.02 5.14
N ILE A 158 -18.66 -11.42 4.18
CA ILE A 158 -19.18 -11.24 2.82
C ILE A 158 -18.72 -12.36 1.89
N LEU A 159 -17.44 -12.70 1.96
CA LEU A 159 -16.89 -13.79 1.16
C LEU A 159 -17.62 -15.10 1.45
N ARG A 160 -18.04 -15.25 2.71
CA ARG A 160 -18.76 -16.44 3.13
C ARG A 160 -20.22 -16.08 3.40
N SER A 161 -20.91 -15.59 2.38
CA SER A 161 -22.31 -15.20 2.52
C SER A 161 -23.20 -15.89 1.48
N ASP A 162 -24.51 -15.89 1.74
CA ASP A 162 -25.47 -16.47 0.82
C ASP A 162 -26.40 -15.40 0.26
N PHE A 163 -25.87 -14.19 0.10
CA PHE A 163 -26.66 -13.05 -0.34
C PHE A 163 -27.00 -13.11 -1.83
N LYS A 164 -28.15 -12.55 -2.18
CA LYS A 164 -28.51 -12.34 -3.58
C LYS A 164 -28.05 -10.95 -3.99
N LYS A 165 -27.82 -10.74 -5.28
CA LYS A 165 -27.31 -9.46 -5.78
C LYS A 165 -28.19 -8.27 -5.37
N ASP A 166 -29.49 -8.37 -5.67
CA ASP A 166 -30.43 -7.30 -5.38
C ASP A 166 -30.48 -6.96 -3.88
N PHE A 167 -30.40 -7.99 -3.04
CA PHE A 167 -30.42 -7.79 -1.58
C PHE A 167 -29.20 -7.01 -1.12
N TYR A 168 -28.03 -7.43 -1.61
CA TYR A 168 -26.78 -6.77 -1.26
C TYR A 168 -26.79 -5.31 -1.70
N VAL A 169 -27.07 -5.08 -2.98
CA VAL A 169 -27.06 -3.71 -3.51
C VAL A 169 -28.11 -2.84 -2.82
N ASP A 170 -29.21 -3.44 -2.37
CA ASP A 170 -30.25 -2.66 -1.69
C ASP A 170 -29.85 -2.31 -0.26
N GLN A 171 -29.15 -3.23 0.42
CA GLN A 171 -28.85 -3.03 1.83
C GLN A 171 -27.57 -2.22 2.07
N ILE A 172 -26.59 -2.37 1.19
CA ILE A 172 -25.29 -1.74 1.37
C ILE A 172 -25.34 -0.22 1.30
N HIS A 173 -26.33 0.32 0.58
CA HIS A 173 -26.43 1.76 0.39
C HIS A 173 -27.28 2.41 1.48
N ARG A 174 -27.73 1.59 2.42
CA ARG A 174 -28.47 2.08 3.57
C ARG A 174 -27.49 2.25 4.74
N PRO A 175 -27.10 3.50 5.02
CA PRO A 175 -25.95 3.86 5.84
C PRO A 175 -26.04 3.39 7.29
N ARG A 176 -24.91 2.94 7.81
CA ARG A 176 -24.79 2.60 9.23
C ARG A 176 -23.76 3.52 9.88
N HIS A 177 -23.45 3.26 11.15
CA HIS A 177 -22.39 4.00 11.83
C HIS A 177 -21.84 3.21 13.01
N TYR A 178 -20.57 2.84 12.92
CA TYR A 178 -19.96 2.01 13.93
C TYR A 178 -19.79 2.74 15.26
N GLY A 179 -19.71 4.06 15.20
CA GLY A 179 -19.54 4.88 16.39
C GLY A 179 -18.27 5.70 16.34
N LYS A 180 -17.64 5.90 17.49
CA LYS A 180 -16.43 6.70 17.56
C LYS A 180 -15.30 6.02 16.80
N GLY A 181 -15.18 4.71 16.97
CA GLY A 181 -14.13 3.96 16.32
C GLY A 181 -14.49 3.60 14.89
N SER A 182 -13.71 2.70 14.30
CA SER A 182 -13.91 2.26 12.93
C SER A 182 -14.26 0.78 12.88
N ALA A 183 -15.19 0.43 11.98
CA ALA A 183 -15.67 -0.94 11.84
C ALA A 183 -14.56 -1.90 11.39
N PRO A 184 -14.62 -3.18 11.85
CA PRO A 184 -13.65 -4.21 11.47
C PRO A 184 -13.89 -4.80 10.08
N LEU A 185 -12.83 -4.93 9.30
CA LEU A 185 -12.94 -5.53 7.97
C LEU A 185 -12.35 -6.94 7.92
N PHE A 186 -11.09 -7.05 8.36
CA PHE A 186 -10.42 -8.34 8.42
C PHE A 186 -10.46 -8.90 9.84
N GLY A 187 -10.24 -8.02 10.81
CA GLY A 187 -10.27 -8.39 12.21
C GLY A 187 -8.94 -8.88 12.72
N ASN A 188 -7.99 -9.12 11.81
CA ASN A 188 -6.68 -9.62 12.21
C ASN A 188 -5.59 -8.55 12.11
N PHE A 189 -4.43 -8.93 11.58
CA PHE A 189 -3.31 -8.01 11.46
C PHE A 189 -3.32 -7.24 10.14
N LEU A 190 -4.25 -7.59 9.26
CA LEU A 190 -4.37 -6.92 7.97
C LEU A 190 -5.24 -5.67 8.07
N GLU A 191 -5.86 -5.50 9.23
CA GLU A 191 -6.74 -4.37 9.49
C GLU A 191 -6.10 -2.99 9.24
N PRO A 192 -4.81 -2.79 9.63
CA PRO A 192 -4.19 -1.48 9.37
C PRO A 192 -4.25 -1.00 7.92
N LEU A 193 -4.31 -1.93 6.97
CA LEU A 193 -4.38 -1.56 5.57
C LEU A 193 -5.69 -0.87 5.22
N THR A 194 -6.72 -1.12 6.01
CA THR A 194 -8.05 -0.58 5.73
C THR A 194 -8.28 0.76 6.40
N LYS A 195 -7.31 1.22 7.17
CA LYS A 195 -7.41 2.51 7.83
C LYS A 195 -6.52 3.54 7.16
N THR A 196 -7.11 4.35 6.28
CA THR A 196 -6.36 5.37 5.56
C THR A 196 -6.93 6.75 5.86
N ALA A 197 -6.13 7.57 6.53
CA ALA A 197 -6.57 8.90 6.96
C ALA A 197 -6.69 9.86 5.77
N TRP A 198 -7.23 11.05 6.04
CA TRP A 198 -7.45 12.04 4.99
C TRP A 198 -6.16 12.64 4.45
N TRP A 199 -5.19 12.83 5.33
CA TRP A 199 -3.94 13.50 4.96
C TRP A 199 -2.97 12.57 4.24
N VAL A 200 -3.38 11.33 4.04
CA VAL A 200 -2.54 10.34 3.38
C VAL A 200 -2.38 10.62 1.88
N VAL A 201 -3.47 11.01 1.23
CA VAL A 201 -3.48 11.26 -0.21
C VAL A 201 -2.54 12.41 -0.63
N PRO A 202 -2.61 13.57 0.05
CA PRO A 202 -1.72 14.65 -0.38
C PRO A 202 -0.24 14.34 -0.19
N VAL A 203 0.14 13.87 0.99
CA VAL A 203 1.54 13.63 1.30
C VAL A 203 2.16 12.53 0.44
N ALA A 204 1.31 11.71 -0.18
CA ALA A 204 1.81 10.59 -0.96
C ALA A 204 1.84 10.87 -2.45
N TRP A 205 0.94 11.72 -2.93
CA TRP A 205 0.76 11.91 -4.37
C TRP A 205 1.11 13.30 -4.88
N LEU A 206 1.00 14.32 -4.03
CA LEU A 206 1.39 15.67 -4.42
C LEU A 206 2.87 15.77 -4.81
N PRO A 207 3.78 15.10 -4.07
CA PRO A 207 5.16 15.10 -4.55
C PRO A 207 5.32 14.49 -5.94
N VAL A 208 4.42 13.58 -6.31
CA VAL A 208 4.46 12.97 -7.63
C VAL A 208 3.94 13.94 -8.67
N VAL A 209 2.93 14.72 -8.30
CA VAL A 209 2.36 15.74 -9.17
C VAL A 209 3.42 16.76 -9.55
N VAL A 210 4.13 17.25 -8.55
CA VAL A 210 5.14 18.27 -8.73
C VAL A 210 6.27 17.78 -9.62
N TYR A 211 6.77 16.58 -9.37
CA TYR A 211 7.86 16.04 -10.17
C TYR A 211 7.48 15.92 -11.63
N HIS A 212 6.34 15.30 -11.91
CA HIS A 212 5.88 15.11 -13.28
C HIS A 212 5.66 16.43 -13.98
N MET A 213 5.07 17.39 -13.27
CA MET A 213 4.87 18.72 -13.83
C MET A 213 6.20 19.47 -13.92
N GLY A 214 7.08 19.22 -12.94
CA GLY A 214 8.37 19.86 -12.90
C GLY A 214 9.24 19.50 -14.10
N VAL A 215 9.18 18.23 -14.49
CA VAL A 215 9.94 17.75 -15.64
C VAL A 215 9.47 18.41 -16.93
N ALA A 216 8.17 18.55 -17.06
CA ALA A 216 7.57 19.16 -18.24
C ALA A 216 8.01 20.61 -18.42
N LEU A 217 8.12 21.34 -17.31
CA LEU A 217 8.47 22.75 -17.36
C LEU A 217 9.95 22.98 -17.63
N LYS A 218 10.72 21.90 -17.76
CA LYS A 218 12.15 22.03 -18.03
C LYS A 218 12.56 21.46 -19.38
N ASN A 219 11.58 20.98 -20.14
CA ASN A 219 11.86 20.39 -21.45
C ASN A 219 10.75 20.65 -22.47
N MET A 220 9.98 21.71 -22.26
CA MET A 220 8.82 22.00 -23.08
C MET A 220 8.39 23.45 -22.86
N ASN A 221 7.73 24.05 -23.86
CA ASN A 221 7.19 25.39 -23.71
C ASN A 221 6.27 25.44 -22.50
N GLN A 222 6.66 26.20 -21.48
CA GLN A 222 6.03 26.16 -20.16
C GLN A 222 4.53 26.41 -20.22
N LEU A 223 4.11 27.34 -21.07
CA LEU A 223 2.70 27.71 -21.15
C LEU A 223 1.85 26.56 -21.69
N PHE A 224 2.33 25.90 -22.74
CA PHE A 224 1.64 24.74 -23.30
C PHE A 224 1.56 23.62 -22.27
N ALA A 225 2.61 23.47 -21.48
CA ALA A 225 2.64 22.47 -20.41
C ALA A 225 1.58 22.76 -19.37
N CYS A 226 1.45 24.04 -19.00
CA CYS A 226 0.42 24.48 -18.06
C CYS A 226 -0.97 24.14 -18.60
N PHE A 227 -1.15 24.39 -19.89
CA PHE A 227 -2.41 24.06 -20.55
C PHE A 227 -2.71 22.56 -20.44
N LEU A 228 -1.70 21.75 -20.73
CA LEU A 228 -1.86 20.31 -20.64
C LEU A 228 -2.16 19.85 -19.21
N PHE A 229 -1.68 20.61 -18.24
CA PHE A 229 -2.01 20.33 -16.85
C PHE A 229 -3.52 20.56 -16.64
N CYS A 230 -3.99 21.70 -17.13
CA CYS A 230 -5.41 22.05 -16.98
C CYS A 230 -6.32 21.04 -17.65
N VAL A 231 -6.02 20.67 -18.88
CA VAL A 231 -6.80 19.64 -19.57
C VAL A 231 -6.67 18.34 -18.77
N GLY A 232 -5.55 18.19 -18.07
CA GLY A 232 -5.37 17.05 -17.18
C GLY A 232 -6.44 17.01 -16.11
N VAL A 233 -6.63 18.12 -15.41
CA VAL A 233 -7.63 18.12 -14.33
C VAL A 233 -9.07 18.05 -14.88
N PHE A 234 -9.28 18.57 -16.08
CA PHE A 234 -10.61 18.48 -16.71
C PHE A 234 -10.95 17.02 -16.99
N VAL A 235 -10.03 16.37 -17.69
CA VAL A 235 -10.14 14.95 -17.96
C VAL A 235 -10.33 14.21 -16.65
N TRP A 236 -9.68 14.67 -15.59
CA TRP A 236 -9.90 14.05 -14.29
C TRP A 236 -11.34 14.20 -13.82
N THR A 237 -11.94 15.39 -13.94
CA THR A 237 -13.33 15.55 -13.53
C THR A 237 -14.21 14.56 -14.26
N LEU A 238 -13.97 14.44 -15.56
CA LEU A 238 -14.70 13.48 -16.38
C LEU A 238 -14.51 12.04 -15.84
N ILE A 239 -13.27 11.66 -15.57
CA ILE A 239 -12.95 10.33 -15.04
C ILE A 239 -13.64 10.08 -13.71
N GLU A 240 -13.70 11.12 -12.89
CA GLU A 240 -14.39 11.09 -11.62
C GLU A 240 -15.85 10.72 -11.84
N TYR A 241 -16.51 11.42 -12.75
CA TYR A 241 -17.90 11.10 -13.05
C TYR A 241 -18.04 9.67 -13.57
N GLY A 242 -17.19 9.30 -14.52
CA GLY A 242 -17.24 7.99 -15.16
C GLY A 242 -17.06 6.83 -14.20
N LEU A 243 -16.01 6.90 -13.38
CA LEU A 243 -15.72 5.87 -12.40
C LEU A 243 -16.79 5.82 -11.33
N HIS A 244 -17.19 7.00 -10.85
CA HIS A 244 -18.18 7.04 -9.78
C HIS A 244 -19.49 6.45 -10.24
N ARG A 245 -19.86 6.72 -11.48
CA ARG A 245 -21.15 6.26 -11.99
C ARG A 245 -21.13 4.81 -12.46
N PHE A 246 -20.21 4.51 -13.37
CA PHE A 246 -20.21 3.23 -14.06
C PHE A 246 -19.40 2.15 -13.35
N LEU A 247 -18.39 2.55 -12.59
CA LEU A 247 -17.51 1.59 -11.95
C LEU A 247 -17.82 1.46 -10.46
N PHE A 248 -17.84 2.59 -9.75
CA PHE A 248 -18.10 2.59 -8.32
C PHE A 248 -19.53 2.16 -8.01
N HIS A 249 -20.46 2.54 -8.88
CA HIS A 249 -21.86 2.15 -8.71
C HIS A 249 -22.28 1.19 -9.81
N PHE A 250 -21.58 0.06 -9.90
CA PHE A 250 -21.93 -0.99 -10.85
C PHE A 250 -23.34 -1.50 -10.56
N ASP A 251 -23.60 -1.76 -9.28
CA ASP A 251 -24.94 -2.06 -8.79
C ASP A 251 -25.66 -3.20 -9.51
N ASP A 252 -26.75 -2.87 -10.22
CA ASP A 252 -27.62 -3.86 -10.84
C ASP A 252 -26.89 -4.73 -11.86
N TRP A 253 -25.78 -4.21 -12.37
CA TRP A 253 -25.03 -4.90 -13.41
C TRP A 253 -24.10 -5.97 -12.82
N LEU A 254 -24.09 -6.07 -11.49
CA LEU A 254 -23.26 -7.05 -10.79
C LEU A 254 -23.72 -8.49 -11.01
N PRO A 255 -22.75 -9.43 -11.07
CA PRO A 255 -23.04 -10.85 -11.15
C PRO A 255 -23.44 -11.42 -9.79
N GLU A 256 -23.91 -12.66 -9.76
CA GLU A 256 -24.27 -13.29 -8.50
C GLU A 256 -23.07 -14.00 -7.87
N SER A 257 -22.05 -13.22 -7.53
CA SER A 257 -20.83 -13.78 -6.94
C SER A 257 -20.33 -12.95 -5.77
N ASN A 258 -19.88 -13.63 -4.71
CA ASN A 258 -19.43 -12.97 -3.49
C ASN A 258 -18.15 -12.19 -3.69
N ILE A 259 -17.31 -12.63 -4.63
CA ILE A 259 -16.08 -11.92 -4.94
C ILE A 259 -16.39 -10.54 -5.50
N ALA A 260 -17.41 -10.45 -6.33
CA ALA A 260 -17.85 -9.19 -6.90
C ALA A 260 -18.38 -8.26 -5.81
N PHE A 261 -19.12 -8.84 -4.89
CA PHE A 261 -19.68 -8.10 -3.76
C PHE A 261 -18.56 -7.51 -2.90
N ALA A 262 -17.53 -8.32 -2.64
CA ALA A 262 -16.39 -7.87 -1.83
C ALA A 262 -15.60 -6.78 -2.55
N THR A 263 -15.39 -6.96 -3.84
CA THR A 263 -14.68 -5.98 -4.64
C THR A 263 -15.40 -4.64 -4.63
N HIS A 264 -16.70 -4.67 -4.92
CA HIS A 264 -17.51 -3.48 -4.92
C HIS A 264 -17.53 -2.83 -3.53
N PHE A 265 -17.47 -3.67 -2.50
CA PHE A 265 -17.40 -3.19 -1.14
C PHE A 265 -16.13 -2.40 -0.92
N LEU A 266 -15.02 -2.94 -1.38
CA LEU A 266 -13.72 -2.30 -1.21
C LEU A 266 -13.63 -1.00 -2.00
N LEU A 267 -14.26 -0.98 -3.17
CA LEU A 267 -14.15 0.17 -4.05
C LEU A 267 -14.94 1.36 -3.55
N HIS A 268 -16.24 1.16 -3.35
CA HIS A 268 -17.12 2.28 -3.04
C HIS A 268 -18.26 1.91 -2.10
N GLY A 269 -18.51 0.62 -1.94
CA GLY A 269 -19.60 0.17 -1.08
C GLY A 269 -19.43 0.52 0.39
N CYS A 270 -18.24 0.26 0.90
CA CYS A 270 -17.95 0.46 2.32
C CYS A 270 -18.16 1.90 2.74
N HIS A 271 -17.93 2.83 1.83
CA HIS A 271 -18.09 4.24 2.12
C HIS A 271 -19.56 4.60 2.33
N HIS A 272 -20.42 4.05 1.47
CA HIS A 272 -21.87 4.29 1.61
C HIS A 272 -22.41 3.58 2.84
N TYR A 273 -21.83 2.42 3.15
CA TYR A 273 -22.27 1.66 4.31
C TYR A 273 -21.90 2.38 5.61
N LEU A 274 -20.65 2.83 5.71
CA LEU A 274 -20.23 3.64 6.85
C LEU A 274 -19.70 5.00 6.37
N PRO A 275 -20.61 5.96 6.13
CA PRO A 275 -20.23 7.27 5.62
C PRO A 275 -19.30 8.04 6.56
N MET A 276 -19.63 8.08 7.84
CA MET A 276 -18.89 8.88 8.79
C MET A 276 -17.76 8.09 9.41
N ASP A 277 -17.26 7.10 8.67
CA ASP A 277 -16.06 6.38 9.08
C ASP A 277 -14.88 7.13 8.51
N LYS A 278 -14.21 7.89 9.38
CA LYS A 278 -13.21 8.86 8.96
C LYS A 278 -11.94 8.23 8.34
N TYR A 279 -11.79 6.92 8.47
CA TYR A 279 -10.60 6.26 7.93
C TYR A 279 -10.90 5.41 6.70
N ARG A 280 -12.17 5.36 6.29
CA ARG A 280 -12.58 4.57 5.13
C ARG A 280 -13.33 5.43 4.13
N LEU A 281 -12.84 6.65 3.94
CA LEU A 281 -13.45 7.57 2.98
C LEU A 281 -12.54 7.71 1.78
N VAL A 282 -11.34 8.22 2.01
CA VAL A 282 -10.37 8.38 0.93
C VAL A 282 -9.94 7.02 0.38
N MET A 283 -9.45 7.03 -0.85
CA MET A 283 -8.98 5.81 -1.49
C MET A 283 -7.58 5.44 -1.04
N PRO A 284 -7.44 4.27 -0.41
CA PRO A 284 -6.12 3.76 -0.01
C PRO A 284 -5.20 3.58 -1.22
N PRO A 285 -3.98 4.14 -1.14
CA PRO A 285 -2.97 4.08 -2.21
C PRO A 285 -2.79 2.68 -2.78
N THR A 286 -2.97 1.66 -1.95
CA THR A 286 -2.91 0.27 -2.40
C THR A 286 -3.91 0.04 -3.52
N LEU A 287 -5.07 0.66 -3.42
CA LEU A 287 -6.10 0.54 -4.45
C LEU A 287 -5.89 1.55 -5.58
N PHE A 288 -5.53 2.77 -5.20
CA PHE A 288 -5.38 3.83 -6.20
C PHE A 288 -4.30 3.52 -7.20
N VAL A 289 -3.25 2.82 -6.76
CA VAL A 289 -2.20 2.41 -7.68
C VAL A 289 -2.77 1.49 -8.75
N ILE A 290 -3.59 0.53 -8.31
CA ILE A 290 -4.25 -0.39 -9.22
C ILE A 290 -5.17 0.33 -10.21
N LEU A 291 -5.96 1.27 -9.71
CA LEU A 291 -6.93 1.95 -10.57
C LEU A 291 -6.29 2.97 -11.51
N CYS A 292 -5.16 3.55 -11.10
CA CYS A 292 -4.50 4.60 -11.87
C CYS A 292 -3.52 4.00 -12.87
N ALA A 293 -3.12 2.76 -12.60
CA ALA A 293 -2.19 2.04 -13.48
C ALA A 293 -2.58 2.02 -14.97
N PRO A 294 -3.88 1.78 -15.28
CA PRO A 294 -4.21 1.82 -16.70
C PRO A 294 -4.14 3.22 -17.32
N PHE A 295 -4.60 4.22 -16.58
CA PHE A 295 -4.60 5.60 -17.07
C PHE A 295 -3.18 6.09 -17.34
N TYR A 296 -2.25 5.83 -16.42
CA TYR A 296 -0.87 6.28 -16.55
C TYR A 296 -0.19 5.71 -17.80
N LYS A 297 -0.33 4.40 -17.99
CA LYS A 297 0.31 3.73 -19.12
C LYS A 297 -0.29 4.19 -20.44
N LEU A 298 -1.57 4.56 -20.40
CA LEU A 298 -2.29 5.01 -21.59
C LEU A 298 -1.85 6.41 -22.02
N VAL A 299 -1.77 7.32 -21.07
CA VAL A 299 -1.39 8.70 -21.34
C VAL A 299 -0.02 8.78 -21.99
N PHE A 300 0.95 8.06 -21.44
CA PHE A 300 2.31 8.09 -21.94
C PHE A 300 2.49 7.30 -23.23
N ALA A 301 1.47 6.53 -23.62
CA ALA A 301 1.53 5.78 -24.86
C ALA A 301 1.07 6.64 -26.03
N LEU A 302 0.08 7.47 -25.78
CA LEU A 302 -0.49 8.33 -26.81
C LEU A 302 0.29 9.63 -26.96
N LEU A 303 0.30 10.44 -25.90
CA LEU A 303 0.89 11.77 -25.93
C LEU A 303 2.40 11.71 -25.98
N PRO A 304 3.04 12.77 -26.53
CA PRO A 304 4.49 12.90 -26.44
C PRO A 304 4.95 12.88 -24.98
N LEU A 305 6.23 12.61 -24.76
CA LEU A 305 6.75 12.38 -23.42
C LEU A 305 6.33 13.45 -22.42
N TYR A 306 6.84 14.65 -22.61
CA TYR A 306 6.65 15.73 -21.65
C TYR A 306 5.19 16.19 -21.63
N TRP A 307 4.50 16.02 -22.74
CA TRP A 307 3.06 16.23 -22.79
C TRP A 307 2.36 15.30 -21.82
N ALA A 308 2.78 14.03 -21.86
CA ALA A 308 2.22 13.03 -20.96
C ALA A 308 2.55 13.38 -19.53
N TYR A 309 3.76 13.90 -19.30
CA TYR A 309 4.16 14.37 -17.97
C TYR A 309 3.18 15.43 -17.43
N ALA A 310 3.00 16.48 -18.23
CA ALA A 310 2.12 17.58 -17.84
C ALA A 310 0.69 17.11 -17.61
N GLY A 311 0.14 16.43 -18.60
CA GLY A 311 -1.23 15.95 -18.54
C GLY A 311 -1.49 15.04 -17.35
N PHE A 312 -0.60 14.07 -17.16
CA PHE A 312 -0.75 13.15 -16.05
C PHE A 312 -0.63 13.85 -14.71
N ALA A 313 0.31 14.79 -14.62
CA ALA A 313 0.46 15.57 -13.39
C ALA A 313 -0.85 16.28 -13.07
N GLY A 314 -1.46 16.85 -14.11
CA GLY A 314 -2.74 17.52 -13.97
C GLY A 314 -3.82 16.59 -13.47
N GLY A 315 -3.98 15.45 -14.13
CA GLY A 315 -5.00 14.49 -13.72
C GLY A 315 -4.84 14.04 -12.29
N LEU A 316 -3.59 13.77 -11.90
CA LEU A 316 -3.28 13.30 -10.56
C LEU A 316 -3.62 14.37 -9.51
N PHE A 317 -3.24 15.61 -9.78
CA PHE A 317 -3.59 16.69 -8.87
C PHE A 317 -5.10 16.84 -8.74
N GLY A 318 -5.79 16.68 -9.87
CA GLY A 318 -7.24 16.70 -9.88
C GLY A 318 -7.79 15.62 -8.96
N TYR A 319 -7.16 14.45 -8.98
CA TYR A 319 -7.57 13.36 -8.12
C TYR A 319 -7.39 13.72 -6.65
N VAL A 320 -6.23 14.28 -6.32
CA VAL A 320 -5.97 14.71 -4.96
C VAL A 320 -7.06 15.67 -4.49
N CYS A 321 -7.38 16.65 -5.34
CA CYS A 321 -8.47 17.57 -5.05
C CYS A 321 -9.79 16.84 -4.83
N TYR A 322 -10.02 15.80 -5.63
CA TYR A 322 -11.26 15.03 -5.52
C TYR A 322 -11.38 14.33 -4.19
N ASP A 323 -10.32 13.64 -3.78
CA ASP A 323 -10.35 12.89 -2.54
C ASP A 323 -10.44 13.83 -1.33
N GLU A 324 -9.68 14.92 -1.36
CA GLU A 324 -9.72 15.87 -0.25
C GLU A 324 -11.10 16.52 -0.13
N CYS A 325 -11.64 16.95 -1.27
CA CYS A 325 -12.97 17.55 -1.31
C CYS A 325 -13.99 16.56 -0.77
N HIS A 326 -13.95 15.34 -1.29
CA HIS A 326 -14.86 14.28 -0.88
C HIS A 326 -14.79 14.03 0.61
N PHE A 327 -13.59 14.09 1.18
CA PHE A 327 -13.45 13.90 2.61
C PHE A 327 -14.10 15.06 3.36
N PHE A 328 -13.69 16.28 3.05
CA PHE A 328 -14.15 17.43 3.81
C PHE A 328 -15.62 17.76 3.54
N LEU A 329 -16.24 17.07 2.58
CA LEU A 329 -17.67 17.20 2.38
C LEU A 329 -18.41 16.49 3.52
N HIS A 330 -17.75 15.47 4.11
CA HIS A 330 -18.37 14.67 5.16
C HIS A 330 -18.01 15.11 6.57
N HIS A 331 -16.74 15.47 6.78
CA HIS A 331 -16.23 15.69 8.13
C HIS A 331 -15.78 17.12 8.42
N SER A 332 -16.51 18.12 7.90
CA SER A 332 -16.14 19.51 8.17
C SER A 332 -17.23 20.51 7.79
N LYS A 333 -17.31 21.59 8.56
CA LYS A 333 -18.16 22.73 8.22
C LYS A 333 -17.44 23.65 7.23
N LEU A 334 -17.69 23.41 5.95
CA LEU A 334 -17.02 24.16 4.89
C LEU A 334 -17.55 25.59 4.76
N PRO A 335 -16.75 26.48 4.16
CA PRO A 335 -17.22 27.82 3.79
C PRO A 335 -18.47 27.77 2.90
N PRO A 336 -19.33 28.79 2.99
CA PRO A 336 -20.66 28.84 2.38
C PRO A 336 -20.74 28.44 0.91
N PHE A 337 -19.71 28.79 0.12
CA PHE A 337 -19.75 28.58 -1.32
C PHE A 337 -19.57 27.11 -1.70
N MET A 338 -19.30 26.27 -0.71
CA MET A 338 -19.15 24.84 -0.92
C MET A 338 -20.27 24.07 -0.25
N ARG A 339 -21.02 24.75 0.62
CA ARG A 339 -22.08 24.13 1.39
C ARG A 339 -23.17 23.57 0.48
N LYS A 340 -23.35 24.20 -0.67
CA LYS A 340 -24.30 23.72 -1.66
C LYS A 340 -23.85 22.38 -2.20
N LEU A 341 -22.55 22.26 -2.46
CA LEU A 341 -21.97 21.02 -2.95
C LEU A 341 -22.02 19.94 -1.87
N LYS A 342 -21.83 20.34 -0.62
CA LYS A 342 -21.91 19.43 0.51
C LYS A 342 -23.31 18.85 0.61
N LYS A 343 -24.31 19.72 0.55
CA LYS A 343 -25.70 19.29 0.54
C LYS A 343 -25.97 18.36 -0.64
N TYR A 344 -25.36 18.69 -1.78
CA TYR A 344 -25.53 17.89 -2.99
C TYR A 344 -25.05 16.45 -2.78
N HIS A 345 -23.77 16.30 -2.43
CA HIS A 345 -23.19 14.97 -2.25
C HIS A 345 -23.83 14.20 -1.10
N LEU A 346 -24.15 14.91 -0.02
CA LEU A 346 -24.82 14.28 1.12
C LEU A 346 -26.21 13.82 0.71
N GLU A 347 -26.78 14.47 -0.30
CA GLU A 347 -28.05 14.02 -0.86
C GLU A 347 -27.81 12.82 -1.78
N HIS A 348 -26.60 12.72 -2.32
CA HIS A 348 -26.24 11.51 -3.08
C HIS A 348 -26.11 10.34 -2.13
N HIS A 349 -25.76 10.62 -0.88
CA HIS A 349 -25.62 9.58 0.13
C HIS A 349 -26.94 9.15 0.77
N TYR A 350 -27.69 10.12 1.28
CA TYR A 350 -28.84 9.81 2.12
C TYR A 350 -30.21 10.00 1.45
N LYS A 351 -30.24 10.25 0.15
CA LYS A 351 -31.52 10.46 -0.54
C LYS A 351 -31.68 9.63 -1.82
N ASN A 352 -30.70 9.73 -2.71
CA ASN A 352 -30.73 9.00 -3.97
C ASN A 352 -29.33 8.74 -4.50
N TYR A 353 -29.00 7.47 -4.70
CA TYR A 353 -27.66 7.11 -5.19
C TYR A 353 -27.68 6.67 -6.65
N GLN A 354 -28.75 7.02 -7.36
CA GLN A 354 -28.78 6.86 -8.81
C GLN A 354 -28.41 8.16 -9.50
N LEU A 355 -28.20 9.21 -8.71
CA LEU A 355 -27.87 10.53 -9.23
C LEU A 355 -26.77 11.19 -8.43
N GLY A 356 -26.32 12.37 -8.88
CA GLY A 356 -25.31 13.13 -8.17
C GLY A 356 -23.97 12.42 -8.09
N PHE A 357 -23.42 12.07 -9.26
CA PHE A 357 -22.15 11.35 -9.30
C PHE A 357 -20.98 12.32 -9.22
N GLY A 358 -21.24 13.59 -9.49
CA GLY A 358 -20.21 14.60 -9.36
C GLY A 358 -20.04 14.97 -7.90
N VAL A 359 -18.80 14.98 -7.43
CA VAL A 359 -18.53 15.31 -6.04
C VAL A 359 -17.80 16.65 -5.96
N THR A 360 -17.01 16.94 -6.98
CA THR A 360 -16.32 18.21 -7.07
C THR A 360 -17.24 19.24 -7.73
N SER A 361 -18.12 18.75 -8.59
CA SER A 361 -19.08 19.60 -9.29
C SER A 361 -20.21 18.77 -9.87
N TRP A 362 -21.41 19.33 -9.87
CA TRP A 362 -22.56 18.68 -10.49
C TRP A 362 -22.62 19.08 -11.96
N PHE A 363 -21.49 19.51 -12.48
CA PHE A 363 -21.38 19.92 -13.87
C PHE A 363 -21.68 18.77 -14.82
N TRP A 364 -21.01 17.64 -14.60
CA TRP A 364 -21.23 16.46 -15.42
C TRP A 364 -22.57 15.81 -15.11
N ASP A 365 -23.19 16.25 -14.02
CA ASP A 365 -24.54 15.80 -13.70
C ASP A 365 -25.55 16.55 -14.56
N GLU A 366 -25.31 17.85 -14.76
CA GLU A 366 -26.15 18.65 -15.66
C GLU A 366 -25.93 18.20 -17.09
N VAL A 367 -24.67 17.92 -17.42
CA VAL A 367 -24.31 17.52 -18.78
C VAL A 367 -24.95 16.19 -19.17
N PHE A 368 -24.75 15.17 -18.35
CA PHE A 368 -25.23 13.83 -18.70
C PHE A 368 -26.63 13.55 -18.17
N GLY A 369 -27.29 14.60 -17.67
CA GLY A 369 -28.67 14.49 -17.22
C GLY A 369 -28.80 13.55 -16.05
N THR A 370 -28.00 13.77 -15.02
CA THR A 370 -28.10 12.99 -13.80
C THR A 370 -28.04 13.94 -12.61
N TYR A 371 -28.51 15.16 -12.81
CA TYR A 371 -28.50 16.17 -11.75
C TYR A 371 -29.46 15.81 -10.63
N LEU A 372 -29.01 16.02 -9.40
CA LEU A 372 -29.83 15.74 -8.23
C LEU A 372 -30.54 17.02 -7.78
N GLY A 373 -31.67 17.32 -8.41
CA GLY A 373 -32.42 18.50 -8.07
C GLY A 373 -33.33 18.21 -6.90
N PRO A 374 -34.06 19.23 -6.44
CA PRO A 374 -34.99 19.06 -5.31
C PRO A 374 -36.22 18.24 -5.69
N ASP A 375 -36.46 18.09 -6.99
CA ASP A 375 -37.61 17.34 -7.50
C ASP A 375 -37.26 15.86 -7.64
N ALA A 376 -36.05 15.49 -7.23
CA ALA A 376 -35.59 14.12 -7.35
C ALA A 376 -36.31 13.22 -6.36
N PRO A 377 -36.80 12.07 -6.85
CA PRO A 377 -37.50 11.11 -5.98
C PRO A 377 -36.52 10.28 -5.15
N LEU A 378 -37.03 9.46 -4.24
CA LEU A 378 -36.18 8.57 -3.46
C LEU A 378 -35.84 7.32 -4.26
N SER A 379 -34.88 6.54 -3.78
CA SER A 379 -34.51 5.30 -4.47
C SER A 379 -35.46 4.17 -4.07
N LYS A 380 -35.34 3.04 -4.77
CA LYS A 380 -36.22 1.90 -4.55
C LYS A 380 -35.98 1.26 -3.17
N SER B 119 25.19 -18.59 -10.82
CA SER B 119 24.71 -17.63 -9.84
C SER B 119 23.90 -18.32 -8.74
N THR B 120 23.55 -19.58 -8.99
CA THR B 120 22.77 -20.35 -8.03
C THR B 120 23.64 -20.98 -6.96
N THR B 121 24.96 -20.83 -7.11
CA THR B 121 25.92 -21.40 -6.17
C THR B 121 26.68 -20.35 -5.37
N PHE B 122 26.74 -20.53 -4.05
CA PHE B 122 27.42 -19.58 -3.18
C PHE B 122 28.93 -19.67 -3.34
N VAL B 123 29.60 -18.51 -3.25
CA VAL B 123 31.05 -18.46 -3.38
C VAL B 123 31.67 -17.90 -2.10
N LYS B 124 32.85 -18.40 -1.74
CA LYS B 124 33.53 -17.93 -0.54
C LYS B 124 34.02 -16.49 -0.72
N GLU B 125 34.21 -16.08 -1.97
CA GLU B 125 34.60 -14.71 -2.27
C GLU B 125 33.76 -14.13 -3.42
N LEU B 126 33.23 -12.94 -3.21
CA LEU B 126 32.36 -12.29 -4.18
C LEU B 126 33.05 -12.06 -5.51
N PRO B 127 32.39 -12.46 -6.60
CA PRO B 127 32.95 -12.28 -7.95
C PRO B 127 32.87 -10.82 -8.41
N ALA B 128 33.13 -10.60 -9.70
CA ALA B 128 33.08 -9.26 -10.26
C ALA B 128 31.66 -8.73 -10.18
N GLU B 129 31.54 -7.40 -10.06
CA GLU B 129 30.23 -6.77 -9.96
C GLU B 129 29.47 -6.82 -11.28
N GLU B 130 30.20 -7.05 -12.37
CA GLU B 130 29.59 -7.15 -13.69
C GLU B 130 28.95 -8.52 -13.88
N LYS B 131 29.46 -9.51 -13.15
CA LYS B 131 28.95 -10.88 -13.25
C LYS B 131 27.74 -11.11 -12.36
N LEU B 132 27.48 -10.16 -11.47
CA LEU B 132 26.34 -10.26 -10.56
C LEU B 132 25.08 -9.76 -11.26
N SER B 133 25.24 -9.18 -12.44
CA SER B 133 24.13 -8.61 -13.20
C SER B 133 23.90 -9.36 -14.51
N ILE B 134 24.46 -10.56 -14.62
CA ILE B 134 24.26 -11.38 -15.82
C ILE B 134 22.90 -12.06 -15.77
N ALA B 135 22.10 -11.85 -16.81
CA ALA B 135 20.76 -12.43 -16.88
C ALA B 135 20.80 -13.96 -16.91
N THR B 136 19.97 -14.58 -16.07
CA THR B 136 19.93 -16.04 -15.97
C THR B 136 19.04 -16.65 -17.04
N ASP B 137 19.49 -17.76 -17.63
CA ASP B 137 18.71 -18.50 -18.62
C ASP B 137 17.48 -19.12 -17.95
N TYR B 138 16.30 -18.68 -18.38
CA TYR B 138 15.04 -19.07 -17.74
C TYR B 138 14.77 -20.58 -17.84
N SER B 139 14.64 -21.06 -19.07
CA SER B 139 14.31 -22.45 -19.35
C SER B 139 15.34 -23.41 -18.77
N ASN B 140 16.62 -23.07 -18.92
CA ASN B 140 17.69 -23.90 -18.40
C ASN B 140 17.64 -23.96 -16.89
N ASP B 141 17.24 -22.86 -16.26
CA ASP B 141 17.09 -22.82 -14.80
C ASP B 141 15.95 -23.73 -14.35
N TYR B 142 14.78 -23.57 -14.98
CA TYR B 142 13.62 -24.35 -14.60
C TYR B 142 13.83 -25.84 -14.90
N LYS B 143 14.67 -26.15 -15.88
CA LYS B 143 14.95 -27.54 -16.22
C LYS B 143 15.98 -28.14 -15.26
N LYS B 144 16.98 -27.34 -14.91
CA LYS B 144 18.09 -27.81 -14.09
C LYS B 144 17.73 -27.94 -12.61
N HIS B 145 16.94 -26.99 -12.11
CA HIS B 145 16.69 -26.95 -10.67
C HIS B 145 15.26 -27.34 -10.27
N LYS B 146 14.34 -27.32 -11.24
CA LYS B 146 12.93 -27.65 -11.01
C LYS B 146 12.35 -26.82 -9.86
N PHE B 147 12.56 -25.52 -9.90
CA PHE B 147 12.04 -24.63 -8.88
C PHE B 147 10.92 -23.78 -9.46
N LEU B 148 11.24 -22.54 -9.81
CA LEU B 148 10.25 -21.63 -10.38
C LEU B 148 10.58 -21.30 -11.83
N ASP B 149 9.54 -21.28 -12.66
CA ASP B 149 9.67 -20.95 -14.07
C ASP B 149 9.52 -19.45 -14.28
N LEU B 150 10.60 -18.80 -14.67
CA LEU B 150 10.64 -17.34 -14.76
C LEU B 150 9.78 -16.79 -15.90
N ASN B 151 9.35 -17.67 -16.82
CA ASN B 151 8.55 -17.24 -17.95
C ASN B 151 7.07 -17.06 -17.62
N ARG B 152 6.69 -17.47 -16.41
CA ARG B 152 5.33 -17.31 -15.94
C ARG B 152 5.33 -16.81 -14.50
N PRO B 153 4.27 -16.08 -14.10
CA PRO B 153 4.10 -15.52 -12.75
C PRO B 153 4.59 -16.44 -11.64
N LEU B 154 5.37 -15.88 -10.71
CA LEU B 154 6.06 -16.66 -9.70
C LEU B 154 5.22 -17.01 -8.48
N LEU B 155 4.34 -16.07 -8.08
CA LEU B 155 3.58 -16.25 -6.84
C LEU B 155 2.62 -17.44 -6.92
N MET B 156 1.73 -17.41 -7.91
CA MET B 156 0.80 -18.52 -8.11
C MET B 156 1.53 -19.83 -8.39
N GLN B 157 2.77 -19.72 -8.88
CA GLN B 157 3.60 -20.89 -9.14
C GLN B 157 4.11 -21.51 -7.84
N ILE B 158 4.04 -20.73 -6.76
CA ILE B 158 4.42 -21.20 -5.43
C ILE B 158 3.20 -21.69 -4.68
N LEU B 159 2.12 -20.92 -4.76
CA LEU B 159 0.88 -21.28 -4.10
C LEU B 159 0.33 -22.63 -4.54
N ARG B 160 0.51 -22.95 -5.82
CA ARG B 160 0.06 -24.24 -6.34
C ARG B 160 1.26 -25.11 -6.70
N SER B 161 2.09 -25.39 -5.69
CA SER B 161 3.28 -26.21 -5.87
C SER B 161 3.26 -27.38 -4.90
N ASP B 162 4.11 -28.38 -5.15
CA ASP B 162 4.21 -29.53 -4.28
C ASP B 162 5.57 -29.55 -3.60
N PHE B 163 6.10 -28.36 -3.31
CA PHE B 163 7.43 -28.23 -2.74
C PHE B 163 7.49 -28.65 -1.28
N LYS B 164 8.65 -29.15 -0.86
CA LYS B 164 8.92 -29.39 0.55
C LYS B 164 9.57 -28.17 1.16
N LYS B 165 9.44 -28.01 2.47
CA LYS B 165 9.99 -26.85 3.17
C LYS B 165 11.47 -26.70 2.90
N ASP B 166 12.21 -27.78 3.12
CA ASP B 166 13.65 -27.77 2.94
C ASP B 166 14.01 -27.38 1.50
N PHE B 167 13.21 -27.85 0.55
CA PHE B 167 13.45 -27.54 -0.85
C PHE B 167 13.26 -26.06 -1.14
N TYR B 168 12.15 -25.51 -0.68
CA TYR B 168 11.88 -24.10 -0.90
C TYR B 168 12.92 -23.22 -0.23
N VAL B 169 13.15 -23.46 1.06
CA VAL B 169 14.10 -22.66 1.82
C VAL B 169 15.50 -22.76 1.25
N ASP B 170 15.82 -23.92 0.68
CA ASP B 170 17.15 -24.13 0.10
C ASP B 170 17.29 -23.43 -1.25
N GLN B 171 16.23 -23.44 -2.04
CA GLN B 171 16.32 -22.95 -3.40
C GLN B 171 16.12 -21.45 -3.50
N ILE B 172 15.26 -20.92 -2.64
CA ILE B 172 14.87 -19.51 -2.69
C ILE B 172 16.06 -18.59 -2.37
N HIS B 173 17.03 -19.09 -1.61
CA HIS B 173 18.16 -18.26 -1.19
C HIS B 173 19.32 -18.35 -2.17
N ARG B 174 19.13 -19.13 -3.23
CA ARG B 174 20.13 -19.21 -4.28
C ARG B 174 19.74 -18.28 -5.43
N PRO B 175 20.39 -17.10 -5.49
CA PRO B 175 19.96 -15.96 -6.31
C PRO B 175 19.97 -16.19 -7.83
N ARG B 176 18.96 -15.64 -8.51
CA ARG B 176 18.90 -15.60 -9.96
C ARG B 176 18.85 -14.13 -10.42
N HIS B 177 18.61 -13.91 -11.72
CA HIS B 177 18.47 -12.55 -12.25
C HIS B 177 17.63 -12.53 -13.52
N TYR B 178 16.47 -11.88 -13.44
CA TYR B 178 15.51 -11.86 -14.53
C TYR B 178 16.01 -11.08 -15.75
N GLY B 179 16.92 -10.14 -15.51
CA GLY B 179 17.48 -9.36 -16.59
C GLY B 179 17.20 -7.87 -16.44
N LYS B 180 17.00 -7.21 -17.58
CA LYS B 180 16.76 -5.77 -17.61
C LYS B 180 15.46 -5.40 -16.92
N GLY B 181 14.40 -6.14 -17.21
CA GLY B 181 13.10 -5.87 -16.64
C GLY B 181 12.94 -6.47 -15.27
N SER B 182 11.71 -6.49 -14.77
CA SER B 182 11.43 -7.08 -13.46
C SER B 182 10.55 -8.30 -13.64
N ALA B 183 10.83 -9.35 -12.85
CA ALA B 183 10.10 -10.60 -12.97
C ALA B 183 8.62 -10.43 -12.62
N PRO B 184 7.76 -11.19 -13.30
CA PRO B 184 6.32 -11.18 -13.02
C PRO B 184 5.98 -12.04 -11.80
N LEU B 185 5.17 -11.51 -10.90
CA LEU B 185 4.70 -12.27 -9.75
C LEU B 185 3.25 -12.67 -9.93
N PHE B 186 2.43 -11.68 -10.25
CA PHE B 186 1.02 -11.93 -10.50
C PHE B 186 0.78 -12.02 -12.01
N GLY B 187 1.43 -11.13 -12.76
CA GLY B 187 1.33 -11.13 -14.20
C GLY B 187 0.13 -10.35 -14.70
N ASN B 188 -0.76 -9.98 -13.79
CA ASN B 188 -1.98 -9.26 -14.14
C ASN B 188 -1.92 -7.79 -13.76
N PHE B 189 -3.01 -7.29 -13.17
CA PHE B 189 -3.11 -5.89 -12.79
C PHE B 189 -2.56 -5.59 -11.40
N LEU B 190 -2.17 -6.63 -10.67
CA LEU B 190 -1.61 -6.46 -9.33
C LEU B 190 -0.10 -6.23 -9.39
N GLU B 191 0.50 -6.40 -10.57
CA GLU B 191 1.93 -6.20 -10.74
C GLU B 191 2.44 -4.82 -10.30
N PRO B 192 1.70 -3.73 -10.60
CA PRO B 192 2.17 -2.42 -10.13
C PRO B 192 2.37 -2.32 -8.61
N LEU B 193 1.62 -3.08 -7.84
CA LEU B 193 1.76 -3.07 -6.39
C LEU B 193 3.09 -3.70 -5.96
N THR B 194 3.63 -4.56 -6.81
CA THR B 194 4.84 -5.29 -6.46
C THR B 194 6.11 -4.57 -6.91
N LYS B 195 5.94 -3.44 -7.59
CA LYS B 195 7.06 -2.64 -8.03
C LYS B 195 7.17 -1.36 -7.20
N THR B 196 8.06 -1.38 -6.22
CA THR B 196 8.22 -0.25 -5.32
C THR B 196 9.62 0.32 -5.46
N ALA B 197 9.72 1.55 -5.98
CA ALA B 197 11.00 2.17 -6.25
C ALA B 197 11.72 2.56 -4.96
N TRP B 198 12.97 2.97 -5.09
CA TRP B 198 13.78 3.32 -3.92
C TRP B 198 13.30 4.61 -3.27
N TRP B 199 12.85 5.54 -4.10
CA TRP B 199 12.46 6.86 -3.63
C TRP B 199 11.07 6.86 -2.99
N VAL B 200 10.45 5.69 -2.96
CA VAL B 200 9.12 5.56 -2.38
C VAL B 200 9.18 5.68 -0.86
N VAL B 201 10.17 5.03 -0.26
CA VAL B 201 10.31 5.02 1.20
C VAL B 201 10.57 6.40 1.80
N PRO B 202 11.52 7.19 1.25
CA PRO B 202 11.73 8.49 1.88
C PRO B 202 10.52 9.41 1.75
N VAL B 203 9.99 9.54 0.55
CA VAL B 203 8.91 10.49 0.31
C VAL B 203 7.64 10.14 1.07
N ALA B 204 7.56 8.89 1.53
CA ALA B 204 6.35 8.42 2.20
C ALA B 204 6.48 8.46 3.71
N TRP B 205 7.70 8.32 4.22
CA TRP B 205 7.89 8.16 5.65
C TRP B 205 8.65 9.30 6.31
N LEU B 206 9.53 9.96 5.57
CA LEU B 206 10.21 11.15 6.09
C LEU B 206 9.24 12.27 6.47
N PRO B 207 8.20 12.51 5.66
CA PRO B 207 7.21 13.49 6.12
C PRO B 207 6.54 13.10 7.44
N VAL B 208 6.47 11.81 7.72
CA VAL B 208 5.89 11.34 8.97
C VAL B 208 6.86 11.56 10.12
N VAL B 209 8.14 11.36 9.85
CA VAL B 209 9.19 11.60 10.83
C VAL B 209 9.20 13.06 11.26
N VAL B 210 9.16 13.95 10.28
CA VAL B 210 9.22 15.38 10.52
C VAL B 210 8.05 15.88 11.35
N TYR B 211 6.83 15.48 10.99
CA TYR B 211 5.65 15.93 11.71
C TYR B 211 5.67 15.50 13.17
N HIS B 212 5.92 14.21 13.38
CA HIS B 212 5.94 13.67 14.73
C HIS B 212 7.02 14.32 15.59
N MET B 213 8.18 14.52 15.00
CA MET B 213 9.27 15.17 15.72
C MET B 213 8.94 16.65 15.87
N GLY B 214 8.28 17.22 14.86
CA GLY B 214 7.89 18.62 14.87
C GLY B 214 6.90 18.93 15.97
N VAL B 215 5.95 18.04 16.18
CA VAL B 215 4.96 18.20 17.24
C VAL B 215 5.61 18.09 18.61
N ALA B 216 6.55 17.16 18.72
CA ALA B 216 7.26 16.95 19.97
C ALA B 216 8.06 18.17 20.37
N LEU B 217 8.69 18.82 19.40
CA LEU B 217 9.51 20.00 19.68
C LEU B 217 8.66 21.24 19.92
N LYS B 218 7.33 21.07 19.84
CA LYS B 218 6.42 22.19 20.05
C LYS B 218 5.60 21.99 21.32
N ASN B 219 5.84 20.89 22.02
CA ASN B 219 5.10 20.59 23.25
C ASN B 219 5.94 19.82 24.28
N MET B 220 7.26 19.94 24.21
CA MET B 220 8.15 19.14 25.06
C MET B 220 9.56 19.71 25.13
N ASN B 221 10.28 19.43 26.21
CA ASN B 221 11.68 19.84 26.36
C ASN B 221 12.55 19.31 25.20
N GLN B 222 13.04 20.24 24.38
CA GLN B 222 13.67 19.90 23.10
C GLN B 222 14.87 18.96 23.19
N LEU B 223 15.73 19.16 24.19
CA LEU B 223 16.93 18.33 24.34
C LEU B 223 16.54 16.89 24.64
N PHE B 224 15.58 16.73 25.53
CA PHE B 224 15.06 15.42 25.87
C PHE B 224 14.46 14.73 24.64
N ALA B 225 13.76 15.52 23.82
CA ALA B 225 13.17 15.00 22.60
C ALA B 225 14.24 14.49 21.64
N CYS B 226 15.31 15.27 21.49
CA CYS B 226 16.44 14.85 20.66
C CYS B 226 17.07 13.58 21.18
N PHE B 227 17.22 13.48 22.50
CA PHE B 227 17.76 12.28 23.12
C PHE B 227 16.90 11.08 22.79
N LEU B 228 15.59 11.24 22.93
CA LEU B 228 14.66 10.16 22.60
C LEU B 228 14.70 9.80 21.13
N PHE B 229 15.04 10.78 20.28
CA PHE B 229 15.20 10.53 18.86
C PHE B 229 16.40 9.62 18.61
N CYS B 230 17.53 9.97 19.20
CA CYS B 230 18.76 9.17 19.04
C CYS B 230 18.58 7.76 19.58
N VAL B 231 18.02 7.66 20.78
CA VAL B 231 17.72 6.37 21.37
C VAL B 231 16.74 5.63 20.47
N GLY B 232 15.91 6.41 19.77
CA GLY B 232 15.00 5.88 18.78
C GLY B 232 15.72 5.17 17.66
N VAL B 233 16.72 5.81 17.07
CA VAL B 233 17.44 5.17 15.96
C VAL B 233 18.28 3.99 16.46
N PHE B 234 18.75 4.04 17.70
CA PHE B 234 19.50 2.92 18.27
C PHE B 234 18.60 1.68 18.40
N VAL B 235 17.46 1.89 19.07
CA VAL B 235 16.45 0.85 19.19
C VAL B 235 16.05 0.34 17.81
N TRP B 236 16.02 1.24 16.82
CA TRP B 236 15.74 0.80 15.46
C TRP B 236 16.80 -0.17 14.96
N THR B 237 18.08 0.13 15.20
CA THR B 237 19.13 -0.79 14.78
C THR B 237 18.86 -2.18 15.37
N LEU B 238 18.49 -2.19 16.66
CA LEU B 238 18.15 -3.46 17.30
C LEU B 238 16.99 -4.18 16.59
N ILE B 239 15.92 -3.45 16.31
CA ILE B 239 14.75 -4.01 15.63
C ILE B 239 15.10 -4.57 14.26
N GLU B 240 15.97 -3.86 13.56
CA GLU B 240 16.49 -4.28 12.27
C GLU B 240 17.12 -5.65 12.39
N TYR B 241 18.01 -5.78 13.37
CA TYR B 241 18.64 -7.08 13.59
C TYR B 241 17.61 -8.17 13.90
N GLY B 242 16.69 -7.87 14.82
CA GLY B 242 15.70 -8.83 15.26
C GLY B 242 14.80 -9.34 14.15
N LEU B 243 14.24 -8.43 13.38
CA LEU B 243 13.38 -8.77 12.26
C LEU B 243 14.14 -9.49 11.17
N HIS B 244 15.34 -9.01 10.84
CA HIS B 244 16.10 -9.63 9.77
C HIS B 244 16.45 -11.06 10.13
N ARG B 245 16.76 -11.31 11.40
CA ARG B 245 17.17 -12.64 11.82
C ARG B 245 16.00 -13.60 12.06
N PHE B 246 15.06 -13.19 12.90
CA PHE B 246 14.02 -14.10 13.36
C PHE B 246 12.79 -14.14 12.45
N LEU B 247 12.53 -13.04 11.75
CA LEU B 247 11.34 -12.97 10.91
C LEU B 247 11.66 -13.16 9.44
N PHE B 248 12.60 -12.37 8.93
CA PHE B 248 12.94 -12.43 7.52
C PHE B 248 13.61 -13.74 7.14
N HIS B 249 14.42 -14.28 8.04
CA HIS B 249 15.06 -15.56 7.80
C HIS B 249 14.54 -16.65 8.73
N PHE B 250 13.23 -16.87 8.66
CA PHE B 250 12.61 -17.95 9.41
C PHE B 250 13.20 -19.27 8.97
N ASP B 251 13.29 -19.43 7.64
CA ASP B 251 14.00 -20.54 7.02
C ASP B 251 13.58 -21.92 7.52
N ASP B 252 14.48 -22.60 8.22
CA ASP B 252 14.27 -23.99 8.63
C ASP B 252 13.05 -24.18 9.53
N TRP B 253 12.64 -23.11 10.21
CA TRP B 253 11.49 -23.19 11.12
C TRP B 253 10.15 -23.10 10.40
N LEU B 254 10.17 -22.94 9.09
CA LEU B 254 8.95 -22.81 8.30
C LEU B 254 8.16 -24.11 8.30
N PRO B 255 6.82 -24.01 8.28
CA PRO B 255 5.98 -25.20 8.17
C PRO B 255 5.94 -25.72 6.74
N GLU B 256 5.36 -26.90 6.54
CA GLU B 256 5.20 -27.46 5.20
C GLU B 256 3.90 -26.97 4.57
N SER B 257 3.82 -25.65 4.39
CA SER B 257 2.63 -25.04 3.81
C SER B 257 3.01 -24.01 2.75
N ASN B 258 2.27 -24.00 1.65
CA ASN B 258 2.57 -23.10 0.53
C ASN B 258 2.33 -21.64 0.90
N ILE B 259 1.37 -21.40 1.79
CA ILE B 259 1.07 -20.05 2.24
C ILE B 259 2.26 -19.43 2.98
N ALA B 260 2.93 -20.24 3.80
CA ALA B 260 4.12 -19.79 4.51
C ALA B 260 5.25 -19.48 3.54
N PHE B 261 5.38 -20.33 2.53
CA PHE B 261 6.41 -20.15 1.50
C PHE B 261 6.17 -18.83 0.77
N ALA B 262 4.91 -18.56 0.46
CA ALA B 262 4.55 -17.33 -0.24
C ALA B 262 4.79 -16.10 0.62
N THR B 263 4.41 -16.18 1.89
CA THR B 263 4.61 -15.08 2.81
C THR B 263 6.09 -14.75 2.95
N HIS B 264 6.89 -15.78 3.18
CA HIS B 264 8.34 -15.63 3.28
C HIS B 264 8.89 -15.07 1.98
N PHE B 265 8.26 -15.43 0.86
CA PHE B 265 8.66 -14.91 -0.44
C PHE B 265 8.44 -13.40 -0.48
N LEU B 266 7.27 -12.95 -0.03
CA LEU B 266 6.93 -11.54 -0.04
C LEU B 266 7.79 -10.72 0.91
N LEU B 267 8.13 -11.30 2.06
CA LEU B 267 8.85 -10.55 3.08
C LEU B 267 10.30 -10.30 2.72
N HIS B 268 11.04 -11.37 2.46
CA HIS B 268 12.49 -11.24 2.29
C HIS B 268 13.02 -12.25 1.29
N GLY B 269 12.22 -13.26 0.96
CA GLY B 269 12.64 -14.30 0.04
C GLY B 269 12.91 -13.78 -1.35
N CYS B 270 12.00 -12.96 -1.85
CA CYS B 270 12.10 -12.45 -3.21
C CYS B 270 13.39 -11.67 -3.41
N HIS B 271 13.86 -11.02 -2.35
CA HIS B 271 15.07 -10.23 -2.43
C HIS B 271 16.31 -11.10 -2.59
N HIS B 272 16.40 -12.19 -1.83
CA HIS B 272 17.54 -13.10 -1.96
C HIS B 272 17.47 -13.85 -3.29
N TYR B 273 16.25 -14.16 -3.72
CA TYR B 273 16.03 -14.86 -4.98
C TYR B 273 16.44 -13.99 -6.15
N LEU B 274 15.95 -12.75 -6.16
CA LEU B 274 16.34 -11.78 -7.17
C LEU B 274 16.95 -10.55 -6.52
N PRO B 275 18.25 -10.63 -6.21
CA PRO B 275 18.95 -9.53 -5.53
C PRO B 275 18.93 -8.23 -6.32
N MET B 276 19.22 -8.31 -7.61
CA MET B 276 19.36 -7.11 -8.42
C MET B 276 18.06 -6.65 -9.10
N ASP B 277 16.92 -6.98 -8.51
CA ASP B 277 15.65 -6.43 -8.97
C ASP B 277 15.39 -5.12 -8.22
N LYS B 278 15.65 -4.01 -8.90
CA LYS B 278 15.68 -2.70 -8.26
C LYS B 278 14.33 -2.21 -7.75
N TYR B 279 13.25 -2.88 -8.17
CA TYR B 279 11.91 -2.49 -7.77
C TYR B 279 11.36 -3.48 -6.76
N ARG B 280 12.17 -4.47 -6.43
CA ARG B 280 11.73 -5.53 -5.52
C ARG B 280 12.71 -5.66 -4.36
N LEU B 281 13.22 -4.54 -3.88
CA LEU B 281 14.17 -4.52 -2.78
C LEU B 281 13.59 -3.89 -1.52
N VAL B 282 13.26 -2.60 -1.61
CA VAL B 282 12.69 -1.88 -0.47
C VAL B 282 11.33 -2.45 -0.09
N MET B 283 10.92 -2.20 1.15
CA MET B 283 9.62 -2.68 1.61
C MET B 283 8.52 -1.76 1.13
N PRO B 284 7.61 -2.30 0.30
CA PRO B 284 6.44 -1.55 -0.14
C PRO B 284 5.58 -1.14 1.06
N PRO B 285 5.23 0.15 1.14
CA PRO B 285 4.44 0.72 2.23
C PRO B 285 3.22 -0.12 2.59
N THR B 286 2.64 -0.80 1.60
CA THR B 286 1.52 -1.70 1.85
C THR B 286 1.89 -2.76 2.88
N LEU B 287 3.12 -3.24 2.82
CA LEU B 287 3.61 -4.23 3.77
C LEU B 287 4.16 -3.56 5.03
N PHE B 288 4.89 -2.47 4.85
CA PHE B 288 5.53 -1.81 5.97
C PHE B 288 4.50 -1.34 6.98
N VAL B 289 3.32 -0.95 6.51
CA VAL B 289 2.24 -0.56 7.40
C VAL B 289 1.85 -1.74 8.29
N ILE B 290 1.71 -2.91 7.68
CA ILE B 290 1.36 -4.12 8.40
C ILE B 290 2.41 -4.47 9.45
N LEU B 291 3.68 -4.38 9.07
CA LEU B 291 4.77 -4.76 9.98
C LEU B 291 5.02 -3.73 11.09
N CYS B 292 4.70 -2.47 10.80
CA CYS B 292 4.97 -1.38 11.72
C CYS B 292 3.80 -1.15 12.67
N ALA B 293 2.64 -1.66 12.28
CA ALA B 293 1.42 -1.53 13.07
C ALA B 293 1.57 -1.96 14.54
N PRO B 294 2.23 -3.10 14.81
CA PRO B 294 2.35 -3.44 16.23
C PRO B 294 3.28 -2.51 17.01
N PHE B 295 4.41 -2.13 16.40
CA PHE B 295 5.38 -1.28 17.07
C PHE B 295 4.80 0.08 17.45
N TYR B 296 4.08 0.70 16.51
CA TYR B 296 3.50 2.03 16.71
C TYR B 296 2.50 2.05 17.87
N LYS B 297 1.60 1.08 17.88
CA LYS B 297 0.58 1.00 18.91
C LYS B 297 1.22 0.73 20.27
N LEU B 298 2.37 0.07 20.27
CA LEU B 298 3.09 -0.25 21.49
C LEU B 298 3.73 0.97 22.12
N VAL B 299 4.41 1.76 21.29
CA VAL B 299 5.09 2.96 21.75
C VAL B 299 4.15 3.97 22.41
N PHE B 300 3.03 4.24 21.74
CA PHE B 300 2.08 5.21 22.24
C PHE B 300 1.26 4.65 23.41
N ALA B 301 1.42 3.36 23.67
CA ALA B 301 0.72 2.73 24.79
C ALA B 301 1.52 2.87 26.08
N LEU B 302 2.84 2.77 25.98
CA LEU B 302 3.72 2.86 27.14
C LEU B 302 4.06 4.32 27.44
N LEU B 303 4.75 4.96 26.51
CA LEU B 303 5.24 6.32 26.69
C LEU B 303 4.12 7.35 26.57
N PRO B 304 4.27 8.50 27.26
CA PRO B 304 3.38 9.65 27.09
C PRO B 304 3.34 10.15 25.64
N LEU B 305 2.31 10.92 25.29
CA LEU B 305 2.04 11.31 23.91
C LEU B 305 3.25 11.85 23.15
N TYR B 306 3.72 13.03 23.53
CA TYR B 306 4.78 13.69 22.79
C TYR B 306 6.13 12.98 22.88
N TRP B 307 6.34 12.27 24.00
CA TRP B 307 7.51 11.40 24.12
C TRP B 307 7.45 10.35 23.03
N ALA B 308 6.25 9.78 22.86
CA ALA B 308 6.02 8.79 21.83
C ALA B 308 6.23 9.39 20.45
N TYR B 309 5.80 10.63 20.26
CA TYR B 309 6.03 11.36 19.01
C TYR B 309 7.53 11.41 18.67
N ALA B 310 8.32 11.93 19.60
CA ALA B 310 9.76 12.06 19.38
C ALA B 310 10.45 10.71 19.12
N GLY B 311 10.23 9.77 20.03
CA GLY B 311 10.84 8.45 19.91
C GLY B 311 10.47 7.74 18.62
N PHE B 312 9.19 7.72 18.30
CA PHE B 312 8.72 7.06 17.10
C PHE B 312 9.27 7.73 15.84
N ALA B 313 9.31 9.06 15.85
CA ALA B 313 9.91 9.79 14.73
C ALA B 313 11.35 9.34 14.53
N GLY B 314 12.08 9.21 15.63
CA GLY B 314 13.45 8.73 15.59
C GLY B 314 13.58 7.35 14.99
N GLY B 315 12.81 6.40 15.52
CA GLY B 315 12.83 5.04 15.04
C GLY B 315 12.50 4.94 13.55
N LEU B 316 11.48 5.68 13.14
CA LEU B 316 11.03 5.67 11.75
C LEU B 316 12.10 6.23 10.84
N PHE B 317 12.72 7.33 11.25
CA PHE B 317 13.81 7.91 10.48
C PHE B 317 14.94 6.89 10.36
N GLY B 318 15.17 6.17 11.44
CA GLY B 318 16.14 5.09 11.45
C GLY B 318 15.77 4.06 10.39
N TYR B 319 14.48 3.78 10.27
CA TYR B 319 14.01 2.83 9.26
C TYR B 319 14.27 3.32 7.84
N VAL B 320 13.92 4.58 7.57
CA VAL B 320 14.16 5.17 6.26
C VAL B 320 15.64 5.04 5.91
N CYS B 321 16.48 5.36 6.89
CA CYS B 321 17.92 5.19 6.74
C CYS B 321 18.26 3.74 6.42
N TYR B 322 17.56 2.81 7.06
CA TYR B 322 17.83 1.39 6.83
C TYR B 322 17.49 0.96 5.41
N ASP B 323 16.31 1.32 4.93
CA ASP B 323 15.87 0.93 3.60
C ASP B 323 16.74 1.56 2.53
N GLU B 324 17.07 2.84 2.70
CA GLU B 324 17.94 3.51 1.73
C GLU B 324 19.32 2.86 1.72
N CYS B 325 19.85 2.59 2.92
CA CYS B 325 21.15 1.92 3.04
C CYS B 325 21.16 0.54 2.37
N HIS B 326 20.17 -0.28 2.71
CA HIS B 326 20.02 -1.62 2.15
C HIS B 326 19.91 -1.58 0.64
N PHE B 327 19.22 -0.57 0.13
CA PHE B 327 19.09 -0.41 -1.31
C PHE B 327 20.44 -0.09 -1.95
N PHE B 328 21.06 0.98 -1.49
CA PHE B 328 22.29 1.45 -2.13
C PHE B 328 23.49 0.53 -1.91
N LEU B 329 23.33 -0.49 -1.07
CA LEU B 329 24.39 -1.50 -0.89
C LEU B 329 24.51 -2.41 -2.10
N HIS B 330 23.40 -2.55 -2.85
CA HIS B 330 23.36 -3.46 -3.99
C HIS B 330 23.64 -2.74 -5.31
N HIS B 331 23.13 -1.52 -5.44
CA HIS B 331 23.13 -0.85 -6.74
C HIS B 331 23.99 0.42 -6.82
N SER B 332 25.15 0.45 -6.15
CA SER B 332 26.03 1.63 -6.21
C SER B 332 27.44 1.38 -5.69
N LYS B 333 28.41 2.07 -6.30
CA LYS B 333 29.77 2.11 -5.79
C LYS B 333 29.87 3.18 -4.71
N LEU B 334 29.66 2.78 -3.46
CA LEU B 334 29.61 3.71 -2.34
C LEU B 334 30.99 4.25 -1.97
N PRO B 335 31.02 5.41 -1.28
CA PRO B 335 32.26 5.92 -0.70
C PRO B 335 32.92 4.88 0.21
N PRO B 336 34.25 4.90 0.30
CA PRO B 336 35.08 3.88 0.95
C PRO B 336 34.63 3.45 2.35
N PHE B 337 34.13 4.36 3.18
CA PHE B 337 33.83 4.00 4.58
C PHE B 337 32.57 3.15 4.71
N MET B 338 31.85 2.96 3.60
CA MET B 338 30.66 2.12 3.60
C MET B 338 30.83 0.89 2.70
N ARG B 339 31.88 0.92 1.87
CA ARG B 339 32.14 -0.16 0.92
C ARG B 339 32.44 -1.47 1.63
N LYS B 340 32.98 -1.34 2.85
CA LYS B 340 33.27 -2.50 3.70
C LYS B 340 31.95 -3.19 4.07
N LEU B 341 30.96 -2.37 4.41
CA LEU B 341 29.63 -2.85 4.74
C LEU B 341 28.98 -3.45 3.51
N LYS B 342 29.29 -2.86 2.35
CA LYS B 342 28.79 -3.39 1.08
C LYS B 342 29.28 -4.82 0.84
N LYS B 343 30.58 -5.03 0.98
CA LYS B 343 31.14 -6.37 0.86
C LYS B 343 30.51 -7.29 1.89
N TYR B 344 30.26 -6.74 3.08
CA TYR B 344 29.65 -7.50 4.16
C TYR B 344 28.29 -8.07 3.76
N HIS B 345 27.36 -7.18 3.43
CA HIS B 345 26.01 -7.60 3.09
C HIS B 345 25.97 -8.46 1.82
N LEU B 346 26.79 -8.10 0.83
CA LEU B 346 26.84 -8.89 -0.39
C LEU B 346 27.38 -10.29 -0.10
N GLU B 347 28.19 -10.40 0.96
CA GLU B 347 28.65 -11.71 1.41
C GLU B 347 27.56 -12.41 2.21
N HIS B 348 26.63 -11.63 2.76
CA HIS B 348 25.45 -12.23 3.37
C HIS B 348 24.56 -12.81 2.28
N HIS B 349 24.64 -12.23 1.08
CA HIS B 349 23.85 -12.70 -0.04
C HIS B 349 24.45 -13.88 -0.78
N TYR B 350 25.70 -13.74 -1.20
CA TYR B 350 26.29 -14.68 -2.15
C TYR B 350 27.28 -15.66 -1.51
N LYS B 351 27.37 -15.66 -0.19
CA LYS B 351 28.34 -16.53 0.49
C LYS B 351 27.66 -17.31 1.61
N ASN B 352 26.95 -16.60 2.48
CA ASN B 352 26.26 -17.24 3.58
C ASN B 352 25.06 -16.41 4.03
N TYR B 353 23.87 -16.99 3.99
CA TYR B 353 22.67 -16.27 4.39
C TYR B 353 22.17 -16.70 5.75
N GLN B 354 23.03 -17.37 6.50
CA GLN B 354 22.76 -17.69 7.89
C GLN B 354 23.42 -16.65 8.79
N LEU B 355 24.15 -15.72 8.18
CA LEU B 355 24.87 -14.68 8.92
C LEU B 355 24.71 -13.30 8.30
N GLY B 356 25.26 -12.28 8.97
CA GLY B 356 25.21 -10.92 8.48
C GLY B 356 23.81 -10.36 8.41
N PHE B 357 23.12 -10.37 9.54
CA PHE B 357 21.74 -9.88 9.61
C PHE B 357 21.69 -8.37 9.80
N GLY B 358 22.79 -7.79 10.24
CA GLY B 358 22.88 -6.35 10.38
C GLY B 358 23.15 -5.73 9.02
N VAL B 359 22.37 -4.71 8.67
CA VAL B 359 22.52 -4.06 7.37
C VAL B 359 23.06 -2.64 7.52
N THR B 360 22.68 -1.98 8.61
CA THR B 360 23.18 -0.65 8.91
C THR B 360 24.49 -0.72 9.68
N SER B 361 24.65 -1.78 10.47
CA SER B 361 25.84 -1.98 11.26
C SER B 361 25.93 -3.42 11.73
N TRP B 362 27.15 -3.94 11.80
CA TRP B 362 27.35 -5.29 12.30
C TRP B 362 27.55 -5.28 13.81
N PHE B 363 27.09 -4.23 14.48
CA PHE B 363 27.19 -4.12 15.92
C PHE B 363 26.42 -5.25 16.60
N TRP B 364 25.16 -5.42 16.20
CA TRP B 364 24.34 -6.46 16.78
C TRP B 364 24.76 -7.85 16.29
N ASP B 365 25.60 -7.89 15.27
CA ASP B 365 26.21 -9.13 14.83
C ASP B 365 27.34 -9.53 15.77
N GLU B 366 28.12 -8.55 16.21
CA GLU B 366 29.19 -8.78 17.18
C GLU B 366 28.60 -9.11 18.55
N VAL B 367 27.55 -8.38 18.93
CA VAL B 367 26.93 -8.58 20.24
C VAL B 367 26.30 -9.96 20.38
N PHE B 368 25.43 -10.31 19.42
CA PHE B 368 24.70 -11.58 19.48
C PHE B 368 25.39 -12.70 18.72
N GLY B 369 26.62 -12.48 18.30
CA GLY B 369 27.43 -13.51 17.67
C GLY B 369 26.96 -14.04 16.33
N THR B 370 26.76 -13.15 15.37
CA THR B 370 26.42 -13.57 14.01
C THR B 370 27.26 -12.81 12.98
N TYR B 371 28.49 -12.47 13.36
CA TYR B 371 29.40 -11.73 12.48
C TYR B 371 29.84 -12.57 11.29
N LEU B 372 29.89 -11.95 10.11
CA LEU B 372 30.32 -12.64 8.91
C LEU B 372 31.81 -12.42 8.69
N GLY B 373 32.63 -13.24 9.33
CA GLY B 373 34.08 -13.14 9.22
C GLY B 373 34.62 -13.88 8.01
N PRO B 374 35.94 -13.80 7.81
CA PRO B 374 36.61 -14.48 6.70
C PRO B 374 36.66 -15.99 6.87
N ASP B 375 36.43 -16.46 8.09
CA ASP B 375 36.47 -17.89 8.40
C ASP B 375 35.12 -18.53 8.12
N ALA B 376 34.19 -17.73 7.59
CA ALA B 376 32.84 -18.21 7.32
C ALA B 376 32.81 -19.20 6.15
N PRO B 377 32.14 -20.34 6.36
CA PRO B 377 31.94 -21.37 5.34
C PRO B 377 30.81 -21.01 4.39
N LEU B 378 30.58 -21.85 3.39
CA LEU B 378 29.46 -21.66 2.47
C LEU B 378 28.15 -22.18 3.05
N SER B 379 27.05 -21.86 2.37
CA SER B 379 25.72 -22.31 2.80
C SER B 379 25.48 -23.74 2.35
N LYS B 380 24.33 -24.29 2.74
CA LYS B 380 24.02 -25.70 2.50
C LYS B 380 23.95 -26.06 1.01
N MET B 381 22.98 -25.46 0.31
CA MET B 381 22.67 -25.86 -1.07
C MET B 381 22.35 -27.35 -1.14
N LYS B 382 21.31 -27.77 -0.41
CA LYS B 382 20.91 -29.17 -0.33
C LYS B 382 20.43 -29.74 -1.66
N TYR B 383 19.29 -29.25 -2.13
CA TYR B 383 18.59 -29.85 -3.27
C TYR B 383 19.18 -29.47 -4.63
N GLU B 384 19.21 -30.45 -5.54
CA GLU B 384 19.62 -30.24 -6.93
C GLU B 384 18.76 -31.11 -7.85
N SER B 385 18.29 -30.52 -8.95
CA SER B 385 17.42 -31.19 -9.91
C SER B 385 16.14 -31.77 -9.27
N GLY B 386 15.69 -31.14 -8.19
CA GLY B 386 14.44 -31.53 -7.56
C GLY B 386 14.58 -32.54 -6.44
N LEU B 387 15.80 -33.06 -6.26
CA LEU B 387 16.05 -34.09 -5.24
C LEU B 387 17.16 -33.68 -4.28
N GLU B 388 17.17 -34.26 -3.08
CA GLU B 388 18.19 -33.95 -2.08
C GLU B 388 19.43 -34.81 -2.26
ZN ZN C . -19.19 10.31 0.21
ZN ZN D . -21.70 6.98 -4.45
ZN ZN E . 20.36 -7.29 0.34
ZN ZN F . 18.95 -11.73 4.31
#